data_9JZ3
#
_entry.id   9JZ3
#
_cell.length_a   68.798
_cell.length_b   68.798
_cell.length_c   79.518
_cell.angle_alpha   90.00
_cell.angle_beta   90.00
_cell.angle_gamma   120.00
#
_symmetry.space_group_name_H-M   'P 31 2 1'
#
loop_
_entity.id
_entity.type
_entity.pdbx_description
1 polymer 'Peptidyl-prolyl cis-trans isomerase NIMA-interacting 1'
2 non-polymer 3H-benzimidazol-5-ylmethanol
3 non-polymer 3,6,9,12,15,18,21-HEPTAOXATRICOSANE-1,23-DIOL
4 non-polymer 'SULFATE ION'
5 non-polymer 'CHLORIDE ION'
6 water water
#
_entity_poly.entity_id   1
_entity_poly.type   'polypeptide(L)'
_entity_poly.pdbx_seq_one_letter_code
;MADEEKLPPGWEKAMSRSSGRVYYFNHITNASQWERPSGNSSSGGKNGQGEPARVRCSHLLVKHSQSRRPSSWRQEKITR
TKEEALELINGYIQKIKSGEEDFESLASQFSDCSSAKARGDLGAFSRGQMQKPFEDASFALRTGEMSGPVFTDSGIHIIL
RTE
;
_entity_poly.pdbx_strand_id   A
#
loop_
_chem_comp.id
_chem_comp.type
_chem_comp.name
_chem_comp.formula
A1ED4 non-polymer 3H-benzimidazol-5-ylmethanol 'C8 H8 N2 O'
CL non-polymer 'CHLORIDE ION' 'Cl -1'
PE8 non-polymer 3,6,9,12,15,18,21-HEPTAOXATRICOSANE-1,23-DIOL 'C16 H34 O9'
SO4 non-polymer 'SULFATE ION' 'O4 S -2'
#
# COMPACT_ATOMS: atom_id res chain seq x y z
N LYS A 6 8.45 6.08 -22.28
CA LYS A 6 8.67 4.63 -22.18
C LYS A 6 7.53 3.95 -21.43
N LEU A 7 7.49 4.13 -20.10
CA LEU A 7 6.63 3.36 -19.22
C LEU A 7 5.66 4.28 -18.48
N PRO A 8 4.57 3.73 -17.93
CA PRO A 8 3.59 4.55 -17.20
C PRO A 8 4.25 5.35 -16.09
N PRO A 9 3.54 6.37 -15.53
CA PRO A 9 4.16 7.24 -14.51
C PRO A 9 4.74 6.48 -13.32
N GLY A 10 6.03 6.70 -13.07
CA GLY A 10 6.70 6.16 -11.90
C GLY A 10 7.43 4.85 -12.11
N TRP A 11 7.20 4.22 -13.25
CA TRP A 11 7.75 2.87 -13.49
C TRP A 11 9.17 2.93 -14.05
N GLU A 12 10.04 2.01 -13.64
CA GLU A 12 11.42 1.93 -14.18
C GLU A 12 11.84 0.46 -14.24
N LYS A 13 12.78 0.13 -15.14
CA LYS A 13 13.33 -1.23 -15.19
C LYS A 13 14.39 -1.42 -14.12
N ALA A 14 14.46 -2.64 -13.60
CA ALA A 14 15.51 -3.01 -12.65
C ALA A 14 15.97 -4.44 -12.96
N MET A 15 17.04 -4.84 -12.28
CA MET A 15 17.58 -6.19 -12.40
C MET A 15 17.37 -6.92 -11.09
N SER A 16 16.87 -8.16 -11.22
CA SER A 16 16.73 -9.02 -10.03
C SER A 16 18.12 -9.46 -9.60
N ARG A 17 18.44 -9.28 -8.33
CA ARG A 17 19.75 -9.67 -7.80
C ARG A 17 19.85 -11.20 -7.72
N SER A 18 18.74 -11.88 -7.46
CA SER A 18 18.83 -13.31 -7.26
C SER A 18 18.70 -14.10 -8.56
N SER A 19 17.88 -13.62 -9.50
CA SER A 19 17.58 -14.34 -10.73
C SER A 19 18.26 -13.75 -11.95
N GLY A 20 18.44 -12.44 -12.00
CA GLY A 20 19.07 -11.79 -13.16
C GLY A 20 18.10 -11.44 -14.26
N ARG A 21 16.81 -11.58 -14.00
CA ARG A 21 15.77 -11.20 -14.99
C ARG A 21 15.36 -9.75 -14.75
N VAL A 22 15.06 -8.98 -15.81
CA VAL A 22 14.56 -7.64 -15.56
C VAL A 22 13.21 -7.74 -14.86
N TYR A 23 12.88 -6.71 -14.10
CA TYR A 23 11.56 -6.58 -13.52
C TYR A 23 11.24 -5.10 -13.56
N TYR A 24 10.04 -4.77 -13.12
CA TYR A 24 9.57 -3.39 -13.17
C TYR A 24 9.25 -2.94 -11.77
N PHE A 25 9.66 -1.73 -11.45
CA PHE A 25 9.51 -1.14 -10.13
C PHE A 25 8.96 0.26 -10.30
N ASN A 26 8.05 0.65 -9.41
CA ASN A 26 7.42 1.96 -9.46
C ASN A 26 7.81 2.73 -8.20
N HIS A 27 8.51 3.85 -8.36
CA HIS A 27 9.06 4.54 -7.21
C HIS A 27 8.06 5.46 -6.53
N ILE A 28 6.86 5.61 -7.09
CA ILE A 28 5.77 6.29 -6.39
C ILE A 28 4.93 5.32 -5.57
N THR A 29 4.57 4.15 -6.12
CA THR A 29 3.71 3.21 -5.41
C THR A 29 4.47 2.14 -4.64
N ASN A 30 5.78 2.05 -4.86
CA ASN A 30 6.64 0.94 -4.41
C ASN A 30 6.14 -0.42 -4.88
N ALA A 31 5.33 -0.46 -5.93
CA ALA A 31 5.00 -1.73 -6.58
C ALA A 31 6.21 -2.30 -7.29
N SER A 32 6.25 -3.63 -7.41
CA SER A 32 7.25 -4.26 -8.24
C SER A 32 6.67 -5.55 -8.81
N GLN A 33 7.04 -5.86 -10.05
CA GLN A 33 6.43 -6.97 -10.76
C GLN A 33 7.34 -7.41 -11.90
N TRP A 34 7.18 -8.67 -12.32
CA TRP A 34 7.98 -9.15 -13.44
C TRP A 34 7.48 -8.58 -14.76
N GLU A 35 6.17 -8.43 -14.92
CA GLU A 35 5.59 -8.14 -16.23
C GLU A 35 5.59 -6.64 -16.52
N ARG A 36 5.71 -6.31 -17.81
CA ARG A 36 5.81 -4.90 -18.21
C ARG A 36 4.49 -4.20 -17.95
N PRO A 37 4.48 -3.07 -17.23
CA PRO A 37 3.22 -2.47 -16.79
C PRO A 37 2.34 -2.05 -17.96
N SER A 38 1.03 -2.16 -17.77
CA SER A 38 0.07 -1.94 -18.84
C SER A 38 -0.01 -0.46 -19.21
N GLY A 39 -0.18 -0.21 -20.51
CA GLY A 39 -0.38 1.13 -21.05
C GLY A 39 0.46 2.25 -20.45
N GLU A 51 -5.05 12.10 -15.94
CA GLU A 51 -5.35 11.39 -14.69
C GLU A 51 -6.76 11.78 -14.19
N PRO A 52 -7.44 10.85 -13.54
CA PRO A 52 -8.81 11.10 -13.11
C PRO A 52 -8.88 12.16 -12.01
N ALA A 53 -10.05 12.78 -11.91
CA ALA A 53 -10.27 13.76 -10.85
C ALA A 53 -10.30 13.10 -9.48
N ARG A 54 -10.81 11.88 -9.40
CA ARG A 54 -10.96 11.16 -8.15
C ARG A 54 -10.54 9.71 -8.37
N VAL A 55 -10.05 9.09 -7.30
CA VAL A 55 -9.85 7.65 -7.25
C VAL A 55 -10.51 7.14 -5.99
N ARG A 56 -10.79 5.84 -5.98
CA ARG A 56 -11.27 5.16 -4.79
C ARG A 56 -10.27 4.07 -4.42
N CYS A 57 -9.87 4.05 -3.16
CA CYS A 57 -8.86 3.11 -2.69
C CYS A 57 -9.30 2.48 -1.39
N SER A 58 -8.79 1.28 -1.17
CA SER A 58 -8.78 0.68 0.15
C SER A 58 -7.34 0.65 0.62
N HIS A 59 -7.14 0.48 1.92
CA HIS A 59 -5.77 0.34 2.38
C HIS A 59 -5.73 -0.51 3.63
N LEU A 60 -4.52 -0.95 3.93
CA LEU A 60 -4.22 -1.67 5.16
C LEU A 60 -3.07 -0.91 5.78
N LEU A 61 -3.29 -0.39 6.98
CA LEU A 61 -2.29 0.37 7.70
C LEU A 61 -1.69 -0.48 8.81
N VAL A 62 -0.36 -0.46 8.92
CA VAL A 62 0.32 -1.00 10.07
C VAL A 62 1.04 0.17 10.72
N LYS A 63 0.62 0.52 11.93
CA LYS A 63 1.19 1.63 12.65
C LYS A 63 2.43 1.15 13.40
N HIS A 64 3.20 2.11 13.89
CA HIS A 64 4.42 1.80 14.62
C HIS A 64 4.63 2.89 15.67
N SER A 65 5.74 2.78 16.40
CA SER A 65 5.97 3.66 17.54
C SER A 65 6.21 5.11 17.14
N GLN A 66 6.65 5.38 15.90
CA GLN A 66 6.78 6.75 15.44
C GLN A 66 5.57 7.24 14.65
N SER A 67 4.50 6.46 14.61
CA SER A 67 3.28 6.93 13.97
C SER A 67 2.78 8.16 14.72
N ARG A 68 2.25 9.14 13.97
CA ARG A 68 1.67 10.36 14.55
C ARG A 68 0.74 10.07 15.72
N ARG A 69 -0.14 9.08 15.58
CA ARG A 69 -0.94 8.59 16.71
C ARG A 69 -0.62 7.13 16.96
N PRO A 70 0.24 6.81 17.92
CA PRO A 70 0.61 5.40 18.15
C PRO A 70 -0.49 4.60 18.83
N SER A 71 -1.69 4.62 18.27
CA SER A 71 -2.83 3.90 18.81
C SER A 71 -3.78 3.51 17.70
N SER A 72 -4.53 2.43 17.92
CA SER A 72 -5.51 1.98 16.93
C SER A 72 -6.58 1.15 17.64
N TRP A 73 -7.65 0.83 16.90
CA TRP A 73 -8.68 -0.05 17.45
C TRP A 73 -8.14 -1.44 17.81
N ARG A 74 -6.96 -1.82 17.28
CA ARG A 74 -6.39 -3.12 17.61
C ARG A 74 -5.56 -3.09 18.88
N GLN A 75 -5.00 -1.94 19.22
CA GLN A 75 -3.98 -1.82 20.24
C GLN A 75 -4.04 -0.42 20.82
N GLU A 76 -4.22 -0.33 22.14
CA GLU A 76 -4.29 0.97 22.77
C GLU A 76 -2.95 1.70 22.68
N LYS A 77 -1.84 1.01 22.96
CA LYS A 77 -0.50 1.58 22.75
C LYS A 77 0.26 0.72 21.75
N ILE A 78 0.48 1.26 20.56
CA ILE A 78 1.20 0.55 19.52
C ILE A 78 2.69 0.81 19.76
N THR A 79 3.45 -0.26 19.99
CA THR A 79 4.85 -0.18 20.39
C THR A 79 5.82 -0.72 19.35
N ARG A 80 5.36 -1.47 18.36
CA ARG A 80 6.25 -2.06 17.36
C ARG A 80 7.06 -0.97 16.65
N THR A 81 8.28 -1.33 16.24
CA THR A 81 9.17 -0.41 15.54
C THR A 81 8.74 -0.28 14.08
N LYS A 82 9.24 0.78 13.41
CA LYS A 82 8.97 0.92 11.98
C LYS A 82 9.44 -0.31 11.22
N GLU A 83 10.55 -0.89 11.63
CA GLU A 83 11.06 -2.05 10.92
C GLU A 83 10.17 -3.27 11.14
N GLU A 84 9.60 -3.42 12.34
CA GLU A 84 8.69 -4.54 12.58
C GLU A 84 7.40 -4.37 11.78
N ALA A 85 6.90 -3.12 11.71
CA ALA A 85 5.75 -2.80 10.87
C ALA A 85 6.01 -3.11 9.41
N LEU A 86 7.19 -2.72 8.90
CA LEU A 86 7.52 -3.04 7.51
C LEU A 86 7.55 -4.53 7.26
N GLU A 87 8.05 -5.31 8.22
CA GLU A 87 8.05 -6.76 8.03
C GLU A 87 6.62 -7.31 8.03
N LEU A 88 5.74 -6.74 8.86
CA LEU A 88 4.33 -7.15 8.82
C LEU A 88 3.71 -6.82 7.47
N ILE A 89 3.91 -5.57 7.02
CA ILE A 89 3.42 -5.19 5.70
C ILE A 89 3.95 -6.12 4.62
N ASN A 90 5.26 -6.41 4.65
CA ASN A 90 5.85 -7.25 3.62
C ASN A 90 5.22 -8.64 3.60
N GLY A 91 4.98 -9.22 4.78
CA GLY A 91 4.34 -10.52 4.85
C GLY A 91 2.92 -10.49 4.30
N TYR A 92 2.18 -9.42 4.60
CA TYR A 92 0.82 -9.30 4.07
C TYR A 92 0.81 -9.24 2.55
N ILE A 93 1.74 -8.47 1.97
CA ILE A 93 1.85 -8.39 0.52
C ILE A 93 2.15 -9.76 -0.05
N GLN A 94 3.07 -10.49 0.56
CA GLN A 94 3.37 -11.84 0.09
C GLN A 94 2.14 -12.73 0.09
N LYS A 95 1.33 -12.64 1.14
CA LYS A 95 0.16 -13.51 1.20
C LYS A 95 -0.91 -13.07 0.22
N ILE A 96 -1.02 -11.76 -0.04
CA ILE A 96 -1.96 -11.28 -1.04
C ILE A 96 -1.52 -11.72 -2.42
N LYS A 97 -0.26 -11.47 -2.75
CA LYS A 97 0.26 -11.82 -4.07
C LYS A 97 0.21 -13.32 -4.33
N SER A 98 0.38 -14.14 -3.30
CA SER A 98 0.32 -15.57 -3.53
C SER A 98 -1.12 -16.09 -3.54
N GLY A 99 -2.08 -15.27 -3.16
CA GLY A 99 -3.44 -15.75 -3.09
C GLY A 99 -3.76 -16.59 -1.87
N GLU A 100 -2.80 -16.76 -0.94
CA GLU A 100 -3.18 -17.40 0.33
C GLU A 100 -4.20 -16.57 1.07
N GLU A 101 -4.21 -15.27 0.86
CA GLU A 101 -5.12 -14.43 1.61
C GLU A 101 -5.51 -13.23 0.76
N ASP A 102 -6.75 -12.76 0.94
CA ASP A 102 -7.27 -11.61 0.20
C ASP A 102 -6.93 -10.30 0.90
N PHE A 103 -6.81 -9.25 0.09
CA PHE A 103 -6.53 -7.93 0.64
C PHE A 103 -7.56 -7.55 1.72
N GLU A 104 -8.88 -7.66 1.43
CA GLU A 104 -9.79 -7.18 2.47
C GLU A 104 -9.88 -8.10 3.66
N SER A 105 -9.62 -9.39 3.51
CA SER A 105 -9.57 -10.23 4.68
C SER A 105 -8.49 -9.71 5.64
N LEU A 106 -7.30 -9.44 5.11
CA LEU A 106 -6.21 -8.90 5.92
C LEU A 106 -6.52 -7.51 6.45
N ALA A 107 -7.08 -6.63 5.62
CA ALA A 107 -7.41 -5.29 6.10
C ALA A 107 -8.41 -5.35 7.26
N SER A 108 -9.47 -6.16 7.11
CA SER A 108 -10.49 -6.26 8.15
C SER A 108 -9.89 -6.73 9.46
N GLN A 109 -8.93 -7.65 9.38
CA GLN A 109 -8.36 -8.27 10.57
C GLN A 109 -7.21 -7.48 11.16
N PHE A 110 -6.41 -6.82 10.32
CA PHE A 110 -5.14 -6.30 10.79
C PHE A 110 -4.87 -4.84 10.51
N SER A 111 -5.70 -4.12 9.78
CA SER A 111 -5.38 -2.73 9.55
C SER A 111 -5.59 -1.93 10.83
N ASP A 112 -4.62 -1.07 11.15
CA ASP A 112 -4.66 -0.15 12.28
C ASP A 112 -5.44 1.12 11.98
N CYS A 113 -6.30 1.09 10.97
CA CYS A 113 -7.20 2.17 10.62
C CYS A 113 -8.63 1.72 10.88
N SER A 114 -9.49 2.66 11.30
CA SER A 114 -10.90 2.35 11.53
C SER A 114 -11.58 1.83 10.28
N SER A 115 -11.01 2.08 9.10
CA SER A 115 -11.57 1.58 7.86
C SER A 115 -11.42 0.07 7.72
N ALA A 116 -10.70 -0.57 8.66
CA ALA A 116 -10.73 -2.03 8.72
C ALA A 116 -12.16 -2.55 8.74
N LYS A 117 -13.07 -1.83 9.42
CA LYS A 117 -14.44 -2.31 9.47
C LYS A 117 -15.15 -2.22 8.12
N ALA A 118 -14.61 -1.46 7.17
CA ALA A 118 -15.14 -1.38 5.82
C ALA A 118 -14.23 -2.09 4.85
N ARG A 119 -13.56 -3.13 5.31
CA ARG A 119 -12.64 -3.91 4.50
C ARG A 119 -11.55 -3.01 3.93
N GLY A 120 -11.20 -1.94 4.65
CA GLY A 120 -10.13 -1.04 4.24
C GLY A 120 -10.56 0.06 3.30
N ASP A 121 -11.81 0.05 2.85
CA ASP A 121 -12.28 1.05 1.89
C ASP A 121 -12.29 2.44 2.53
N LEU A 122 -11.72 3.41 1.81
CA LEU A 122 -11.71 4.80 2.21
C LEU A 122 -12.65 5.66 1.39
N GLY A 123 -13.30 5.09 0.37
CA GLY A 123 -14.17 5.88 -0.49
C GLY A 123 -13.39 6.66 -1.52
N ALA A 124 -14.13 7.45 -2.29
CA ALA A 124 -13.49 8.28 -3.30
C ALA A 124 -12.83 9.50 -2.67
N PHE A 125 -11.75 9.96 -3.29
CA PHE A 125 -11.09 11.17 -2.83
C PHE A 125 -10.37 11.85 -3.99
N SER A 126 -10.13 13.16 -3.84
CA SER A 126 -9.41 13.99 -4.79
C SER A 126 -7.99 14.26 -4.28
N ARG A 127 -7.20 14.92 -5.12
CA ARG A 127 -5.88 15.37 -4.70
C ARG A 127 -6.03 16.47 -3.67
N GLY A 128 -5.04 16.57 -2.77
CA GLY A 128 -5.14 17.50 -1.66
C GLY A 128 -6.06 17.10 -0.52
N GLN A 129 -6.44 15.83 -0.41
CA GLN A 129 -7.17 15.36 0.76
C GLN A 129 -6.36 14.45 1.66
N MET A 130 -5.62 13.49 1.09
CA MET A 130 -4.87 12.54 1.89
C MET A 130 -3.44 13.04 2.08
N GLN A 131 -2.72 12.39 2.99
CA GLN A 131 -1.29 12.66 3.11
C GLN A 131 -0.60 12.40 1.78
N LYS A 132 0.38 13.25 1.48
CA LYS A 132 0.96 13.28 0.14
C LYS A 132 1.48 11.94 -0.37
N PRO A 133 2.27 11.17 0.39
CA PRO A 133 2.77 9.90 -0.17
C PRO A 133 1.64 8.96 -0.53
N PHE A 134 0.57 8.99 0.28
CA PHE A 134 -0.61 8.17 0.02
C PHE A 134 -1.34 8.65 -1.23
N GLU A 135 -1.55 9.96 -1.33
CA GLU A 135 -2.24 10.50 -2.49
C GLU A 135 -1.50 10.15 -3.77
N ASP A 136 -0.19 10.35 -3.79
CA ASP A 136 0.57 10.14 -5.02
C ASP A 136 0.53 8.66 -5.41
N ALA A 137 0.73 7.77 -4.44
CA ALA A 137 0.62 6.34 -4.76
C ALA A 137 -0.76 6.02 -5.30
N SER A 138 -1.80 6.55 -4.64
CA SER A 138 -3.16 6.25 -5.05
C SER A 138 -3.41 6.66 -6.49
N PHE A 139 -2.97 7.86 -6.87
CA PHE A 139 -3.20 8.32 -8.23
C PHE A 139 -2.25 7.72 -9.25
N ALA A 140 -1.15 7.09 -8.83
CA ALA A 140 -0.28 6.41 -9.78
C ALA A 140 -0.69 4.96 -10.00
N LEU A 141 -1.50 4.40 -9.10
CA LEU A 141 -2.04 3.06 -9.31
C LEU A 141 -3.06 3.09 -10.44
N ARG A 142 -3.05 2.05 -11.26
CA ARG A 142 -4.12 1.86 -12.23
C ARG A 142 -5.27 1.15 -11.51
N THR A 143 -6.48 1.24 -12.06
CA THR A 143 -7.60 0.59 -11.41
C THR A 143 -7.33 -0.90 -11.26
N GLY A 144 -7.44 -1.40 -10.04
CA GLY A 144 -7.21 -2.79 -9.76
C GLY A 144 -5.83 -3.11 -9.26
N GLU A 145 -4.91 -2.15 -9.34
CA GLU A 145 -3.53 -2.34 -8.94
C GLU A 145 -3.33 -2.08 -7.45
N MET A 146 -2.27 -2.67 -6.92
CA MET A 146 -1.95 -2.57 -5.51
C MET A 146 -0.54 -2.01 -5.37
N SER A 147 -0.35 -1.18 -4.35
CA SER A 147 0.94 -0.59 -4.07
C SER A 147 1.84 -1.57 -3.34
N GLY A 148 3.12 -1.21 -3.22
CA GLY A 148 3.96 -1.80 -2.20
C GLY A 148 3.82 -0.97 -0.95
N PRO A 149 4.74 -1.13 0.00
CA PRO A 149 4.68 -0.32 1.23
C PRO A 149 4.77 1.16 0.92
N VAL A 150 3.83 1.93 1.46
CA VAL A 150 3.80 3.37 1.27
C VAL A 150 3.88 4.05 2.64
N PHE A 151 4.86 4.92 2.80
CA PHE A 151 5.18 5.49 4.11
C PHE A 151 4.52 6.86 4.24
N THR A 152 3.79 7.05 5.34
CA THR A 152 3.25 8.35 5.70
C THR A 152 3.46 8.55 7.20
N ASP A 153 3.05 9.71 7.70
CA ASP A 153 3.12 9.96 9.13
C ASP A 153 2.23 9.05 9.96
N SER A 154 1.25 8.37 9.34
CA SER A 154 0.39 7.48 10.12
C SER A 154 1.03 6.11 10.31
N GLY A 155 1.87 5.70 9.38
CA GLY A 155 2.48 4.40 9.45
C GLY A 155 2.85 3.95 8.03
N ILE A 156 2.64 2.66 7.79
CA ILE A 156 2.96 2.03 6.51
C ILE A 156 1.67 1.44 5.95
N HIS A 157 1.37 1.76 4.70
CA HIS A 157 0.12 1.36 4.03
C HIS A 157 0.41 0.35 2.94
N ILE A 158 -0.55 -0.55 2.69
CA ILE A 158 -0.72 -1.18 1.40
C ILE A 158 -1.97 -0.58 0.80
N ILE A 159 -1.88 -0.09 -0.44
CA ILE A 159 -3.00 0.61 -1.06
C ILE A 159 -3.49 -0.18 -2.25
N LEU A 160 -4.80 -0.40 -2.31
CA LEU A 160 -5.46 -1.06 -3.43
C LEU A 160 -6.38 -0.05 -4.07
N ARG A 161 -6.22 0.18 -5.36
CA ARG A 161 -7.10 1.11 -6.05
C ARG A 161 -8.28 0.34 -6.61
N THR A 162 -9.47 0.68 -6.15
CA THR A 162 -10.67 -0.01 -6.61
C THR A 162 -11.42 0.75 -7.70
N GLU A 163 -11.26 2.06 -7.81
CA GLU A 163 -11.93 2.85 -8.85
C GLU A 163 -11.07 4.05 -9.25
N1 A1ED4 B . -6.14 6.20 8.39
C4 A1ED4 B . -4.38 7.48 7.73
C5 A1ED4 B . -5.54 6.84 7.30
C6 A1ED4 B . -5.34 6.46 9.40
C7 A1ED4 B . -5.93 6.93 5.97
C8 A1ED4 B . -5.14 7.64 5.10
C1 A1ED4 B . -3.14 9.05 4.54
C2 A1ED4 B . -3.97 8.28 5.53
C3 A1ED4 B . -3.58 8.21 6.86
N2 A1ED4 B . -4.28 7.22 9.08
O1 A1ED4 B . -3.67 10.35 4.29
O1 PE8 C . 3.87 -4.98 -5.84
C2 PE8 C . 3.96 -4.63 -4.47
C3 PE8 C . 5.31 -4.97 -3.88
O4 PE8 C . 5.47 -6.38 -3.78
C5 PE8 C . 6.73 -6.75 -3.24
C6 PE8 C . 6.75 -8.25 -3.14
O7 PE8 C . 6.59 -8.76 -4.46
C8 PE8 C . 6.82 -10.16 -4.55
C9 PE8 C . 6.64 -10.60 -5.98
O10 PE8 C . 7.63 -10.02 -6.82
C11 PE8 C . 7.53 -10.46 -8.18
C12 PE8 C . 8.44 -9.65 -9.04
O13 PE8 C . 9.74 -9.64 -8.46
C14 PE8 C . 10.66 -8.89 -9.24
C15 PE8 C . 11.94 -8.77 -8.48
O16 PE8 C . 11.66 -8.09 -7.27
C17 PE8 C . 12.75 -8.12 -6.34
C18 PE8 C . 12.36 -7.40 -5.11
O19 PE8 C . 12.27 -6.01 -5.39
C20 PE8 C . 11.81 -5.23 -4.28
C21 PE8 C . 12.67 -4.02 -4.12
O22 PE8 C . 12.74 -3.27 -5.33
C23 PE8 C . 13.61 -2.15 -5.24
C24 PE8 C . 13.65 -1.41 -6.54
O25 PE8 C . 14.35 -2.13 -7.57
S SO4 D . -7.27 3.13 -15.22
O1 SO4 D . -7.02 3.79 -16.50
O2 SO4 D . -6.54 3.85 -14.16
O3 SO4 D . -8.72 3.15 -14.93
O4 SO4 D . -6.80 1.74 -15.28
CL CL E . -3.51 8.87 12.33
#